data_3NZL
#
_entry.id   3NZL
#
_cell.length_a   33.926
_cell.length_b   43.480
_cell.length_c   42.461
_cell.angle_alpha   90.00
_cell.angle_beta   90.00
_cell.angle_gamma   90.00
#
_symmetry.space_group_name_H-M   'P 21 21 21'
#
loop_
_entity.id
_entity.type
_entity.pdbx_description
1 polymer 'DNA-binding protein SATB1'
2 water water
#
_entity_poly.entity_id   1
_entity_poly.type   'polypeptide(L)'
_entity_poly.pdbx_seq_one_letter_code
;(MSE)GHHHHHHSH(MSE)LPPEQWSHTTVRNALKDLLKD(MSE)NQSSLAKECPLSQS(MSE)ISSIVNSTYYANVSAA
KCQEFGRWYKHFKKTKD(MSE)(MSE)
;
_entity_poly.pdbx_strand_id   A
#
# COMPACT_ATOMS: atom_id res chain seq x y z
N HIS A 7 1.52 17.75 1.83
CA HIS A 7 1.45 17.49 3.25
C HIS A 7 0.78 16.16 3.53
N HIS A 8 1.33 15.39 4.47
CA HIS A 8 0.81 14.08 4.78
C HIS A 8 -0.66 14.13 5.19
N SER A 9 -1.11 15.25 5.76
CA SER A 9 -2.48 15.28 6.26
C SER A 9 -3.46 15.28 5.09
N HIS A 10 -2.96 15.59 3.88
CA HIS A 10 -3.81 15.60 2.68
C HIS A 10 -3.96 14.24 2.02
N MSE A 11 -3.23 13.26 2.51
CA MSE A 11 -3.42 11.89 2.08
C MSE A 11 -4.85 11.46 2.41
O MSE A 11 -5.41 11.85 3.45
CB MSE A 11 -2.37 11.00 2.71
CG MSE A 11 -1.05 11.38 2.13
SE MSE A 11 0.29 10.64 3.15
CE MSE A 11 1.75 11.84 2.67
H MSE A 11 -2.60 13.35 3.10
HA MSE A 11 -3.31 11.85 1.10
HB2 MSE A 11 -2.35 11.16 3.68
HB3 MSE A 11 -2.55 10.08 2.51
N LEU A 12 -5.44 10.67 1.54
CA LEU A 12 -6.78 10.16 1.76
C LEU A 12 -6.93 9.47 3.09
N PRO A 13 -8.09 9.67 3.73
CA PRO A 13 -8.35 8.96 4.98
C PRO A 13 -8.59 7.47 4.66
N PRO A 14 -8.48 6.59 5.67
CA PRO A 14 -8.42 5.16 5.40
C PRO A 14 -9.62 4.61 4.61
N GLU A 15 -10.81 5.11 4.91
CA GLU A 15 -12.01 4.61 4.29
C GLU A 15 -12.09 4.93 2.79
N GLN A 16 -11.23 5.82 2.31
CA GLN A 16 -11.20 6.15 0.89
C GLN A 16 -10.18 5.35 0.10
N TRP A 17 -9.41 4.49 0.74
CA TRP A 17 -8.44 3.68 0.01
C TRP A 17 -9.10 2.52 -0.69
N SER A 18 -8.83 2.40 -1.99
CA SER A 18 -9.21 1.24 -2.77
C SER A 18 -7.98 0.44 -3.16
N HIS A 19 -8.19 -0.65 -3.88
CA HIS A 19 -7.05 -1.39 -4.40
C HIS A 19 -6.20 -0.53 -5.34
N THR A 20 -6.83 0.41 -6.03
CA THR A 20 -6.09 1.32 -6.91
C THR A 20 -5.21 2.25 -6.11
N THR A 21 -5.75 2.79 -5.01
CA THR A 21 -4.94 3.65 -4.16
C THR A 21 -3.72 2.88 -3.64
N VAL A 22 -3.95 1.65 -3.18
CA VAL A 22 -2.89 0.82 -2.63
C VAL A 22 -1.82 0.57 -3.67
N ARG A 23 -2.20 0.16 -4.88
CA ARG A 23 -1.19 -0.14 -5.86
C ARG A 23 -0.42 1.09 -6.29
N ASN A 24 -1.09 2.24 -6.36
CA ASN A 24 -0.42 3.45 -6.77
C ASN A 24 0.59 3.89 -5.73
N ALA A 25 0.22 3.80 -4.47
CA ALA A 25 1.16 4.09 -3.37
C ALA A 25 2.33 3.11 -3.38
N LEU A 26 2.03 1.83 -3.54
CA LEU A 26 3.04 0.81 -3.51
C LEU A 26 4.10 1.03 -4.56
N LYS A 27 3.69 1.40 -5.77
CA LYS A 27 4.66 1.55 -6.82
C LYS A 27 5.57 2.76 -6.57
N ASP A 28 5.06 3.84 -5.99
CA ASP A 28 5.92 4.96 -5.63
C ASP A 28 6.87 4.58 -4.49
N LEU A 29 6.38 3.82 -3.52
CA LEU A 29 7.22 3.37 -2.42
C LEU A 29 8.36 2.49 -2.91
N LEU A 30 8.08 1.63 -3.88
CA LEU A 30 9.06 0.67 -4.33
C LEU A 30 10.16 1.30 -5.19
N LYS A 31 10.02 2.56 -5.53
CA LYS A 31 11.14 3.23 -6.16
C LYS A 31 12.28 3.44 -5.20
N ASP A 32 11.99 3.52 -3.89
CA ASP A 32 13.01 3.84 -2.88
C ASP A 32 13.23 2.77 -1.84
N MSE A 33 12.55 1.65 -1.97
CA MSE A 33 12.86 0.52 -1.10
C MSE A 33 12.48 -0.72 -1.84
O MSE A 33 11.71 -0.68 -2.79
CB MSE A 33 12.09 0.62 0.21
CG MSE A 33 10.62 0.44 0.01
SE MSE A 33 9.60 0.76 1.63
CE MSE A 33 9.59 2.68 1.61
H MSE A 33 11.93 1.51 -2.55
HA MSE A 33 13.81 0.51 -0.90
HB2 MSE A 33 12.40 -0.07 0.81
HB3 MSE A 33 12.24 1.50 0.60
N ASN A 34 13.03 -1.84 -1.43
CA ASN A 34 12.71 -3.09 -2.09
C ASN A 34 11.49 -3.79 -1.48
N GLN A 35 11.01 -4.83 -2.14
CA GLN A 35 9.81 -5.51 -1.70
C GLN A 35 9.94 -6.09 -0.30
N SER A 36 11.11 -6.61 0.02
CA SER A 36 11.34 -7.16 1.34
C SER A 36 11.20 -6.07 2.41
N SER A 37 11.80 -4.92 2.16
CA SER A 37 11.70 -3.80 3.10
C SER A 37 10.26 -3.32 3.25
N LEU A 38 9.55 -3.23 2.14
CA LEU A 38 8.16 -2.80 2.19
C LEU A 38 7.34 -3.77 3.03
N ALA A 39 7.55 -5.07 2.85
CA ALA A 39 6.80 -6.05 3.63
C ALA A 39 7.12 -5.90 5.12
N LYS A 40 8.35 -5.56 5.45
CA LYS A 40 8.70 -5.37 6.87
C LYS A 40 7.95 -4.16 7.45
N GLU A 41 7.77 -3.13 6.63
CA GLU A 41 7.16 -1.88 7.09
C GLU A 41 5.63 -1.91 7.18
N CYS A 42 4.98 -2.52 6.19
CA CYS A 42 3.58 -2.23 5.93
C CYS A 42 2.71 -3.45 6.16
N PRO A 43 1.36 -3.27 6.09
CA PRO A 43 0.49 -4.38 6.43
C PRO A 43 0.25 -5.41 5.33
N LEU A 44 0.86 -5.21 4.16
CA LEU A 44 0.71 -6.18 3.08
C LEU A 44 1.73 -7.30 3.26
N SER A 45 1.31 -8.50 2.92
CA SER A 45 2.20 -9.66 2.97
C SER A 45 3.14 -9.69 1.80
N GLN A 46 4.19 -10.50 1.92
CA GLN A 46 5.11 -10.70 0.82
C GLN A 46 4.38 -11.14 -0.44
N SER A 47 3.43 -12.05 -0.26
CA SER A 47 2.70 -12.60 -1.41
C SER A 47 1.82 -11.54 -2.07
N MSE A 48 1.15 -10.71 -1.29
CA MSE A 48 0.29 -9.68 -1.86
C MSE A 48 1.11 -8.64 -2.59
O MSE A 48 0.74 -8.19 -3.66
CB MSE A 48 -0.61 -9.06 -0.78
CG MSE A 48 -1.54 -7.99 -1.38
SE MSE A 48 -2.96 -7.44 -0.20
CE MSE A 48 -4.00 -9.08 -0.21
H MSE A 48 1.17 -10.72 -0.43
HA MSE A 48 -0.30 -10.12 -2.51
HB2 MSE A 48 -1.16 -9.76 -0.39
HB3 MSE A 48 -0.05 -8.64 -0.12
N ILE A 49 2.25 -8.26 -2.01
CA ILE A 49 3.13 -7.31 -2.67
C ILE A 49 3.58 -7.87 -4.02
N SER A 50 4.00 -9.12 -4.02
CA SER A 50 4.49 -9.73 -5.25
C SER A 50 3.39 -9.76 -6.33
N SER A 51 2.18 -10.11 -5.89
CA SER A 51 1.06 -10.18 -6.81
C SER A 51 0.74 -8.80 -7.43
N ILE A 52 0.75 -7.76 -6.62
CA ILE A 52 0.51 -6.42 -7.15
C ILE A 52 1.61 -6.04 -8.14
N VAL A 53 2.86 -6.34 -7.83
CA VAL A 53 3.93 -6.02 -8.76
C VAL A 53 3.80 -6.76 -10.08
N ASN A 54 3.47 -8.05 -10.02
CA ASN A 54 3.63 -8.95 -11.15
C ASN A 54 2.38 -9.27 -11.96
N SER A 55 1.20 -9.25 -11.34
CA SER A 55 0.03 -9.74 -12.05
C SER A 55 -0.36 -8.86 -13.24
N THR A 56 -0.96 -9.45 -14.26
CA THR A 56 -1.54 -8.69 -15.36
C THR A 56 -3.01 -8.34 -15.09
N TYR A 57 -3.53 -8.78 -13.95
CA TYR A 57 -4.92 -8.51 -13.57
C TYR A 57 -5.00 -7.61 -12.33
N TYR A 58 -6.17 -7.02 -12.11
CA TYR A 58 -6.40 -6.13 -10.98
C TYR A 58 -6.19 -6.91 -9.70
N ALA A 59 -5.90 -6.17 -8.65
CA ALA A 59 -5.58 -6.73 -7.35
C ALA A 59 -6.81 -6.92 -6.49
N ASN A 60 -6.89 -8.09 -5.86
CA ASN A 60 -7.87 -8.34 -4.83
C ASN A 60 -7.33 -7.99 -3.45
N VAL A 61 -7.86 -6.91 -2.92
CA VAL A 61 -7.47 -6.41 -1.61
C VAL A 61 -8.76 -6.09 -0.88
N SER A 62 -8.98 -6.72 0.26
CA SER A 62 -10.21 -6.48 1.00
C SER A 62 -10.30 -5.03 1.46
N ALA A 63 -11.53 -4.58 1.72
CA ALA A 63 -11.70 -3.25 2.27
C ALA A 63 -10.90 -3.05 3.54
N ALA A 64 -10.95 -4.04 4.43
CA ALA A 64 -10.21 -3.91 5.69
C ALA A 64 -8.73 -3.71 5.43
N LYS A 65 -8.17 -4.46 4.49
CA LYS A 65 -6.74 -4.36 4.22
C LYS A 65 -6.39 -3.05 3.53
N CYS A 66 -7.24 -2.59 2.63
CA CYS A 66 -7.05 -1.27 2.01
C CYS A 66 -6.98 -0.20 3.09
N GLN A 67 -7.91 -0.25 4.04
CA GLN A 67 -7.94 0.75 5.10
C GLN A 67 -6.73 0.65 6.00
N GLU A 68 -6.35 -0.58 6.32
CA GLU A 68 -5.17 -0.83 7.14
C GLU A 68 -3.94 -0.25 6.45
N PHE A 69 -3.81 -0.51 5.16
CA PHE A 69 -2.71 0.03 4.41
C PHE A 69 -2.73 1.56 4.37
N GLY A 70 -3.89 2.14 4.08
CA GLY A 70 -3.97 3.60 4.05
C GLY A 70 -3.65 4.27 5.38
N ARG A 71 -4.10 3.68 6.48
CA ARG A 71 -3.71 4.17 7.80
C ARG A 71 -2.21 4.10 8.00
N TRP A 72 -1.62 2.97 7.65
CA TRP A 72 -0.17 2.82 7.77
C TRP A 72 0.54 3.86 6.92
N TYR A 73 0.10 4.01 5.69
CA TYR A 73 0.81 4.87 4.74
C TYR A 73 0.81 6.32 5.19
N LYS A 74 -0.34 6.82 5.62
CA LYS A 74 -0.40 8.19 6.08
C LYS A 74 0.49 8.39 7.32
N HIS A 75 0.49 7.43 8.23
CA HIS A 75 1.32 7.52 9.43
C HIS A 75 2.81 7.45 9.05
N PHE A 76 3.12 6.58 8.10
CA PHE A 76 4.49 6.40 7.63
C PHE A 76 5.00 7.70 7.02
N LYS A 77 4.17 8.36 6.22
CA LYS A 77 4.59 9.63 5.63
C LYS A 77 4.76 10.73 6.69
N LYS A 78 3.94 10.71 7.73
CA LYS A 78 4.04 11.69 8.82
C LYS A 78 5.31 11.47 9.62
N THR A 79 5.63 10.18 9.81
CA THR A 79 6.67 9.66 10.70
C THR A 79 6.40 9.99 12.16
#